data_2PVL
#
_entry.id   2PVL
#
_cell.length_a   142.682
_cell.length_b   59.287
_cell.length_c   45.536
_cell.angle_alpha   90.000
_cell.angle_beta   102.953
_cell.angle_gamma   90.000
#
_symmetry.space_group_name_H-M   'C 1 2 1'
#
loop_
_entity.id
_entity.type
_entity.pdbx_description
1 polymer 'Casein kinase II subunit alpha'
2 non-polymer 2-(4-ETHYLPIPERAZIN-1-YL)-4-(PHENYLAMINO)PYRAZOLO[1,5-A][1,3,5]TRIAZINE-8-CARBONITRILE
3 water water
#
_entity_poly.entity_id   1
_entity_poly.type   'polypeptide(L)'
_entity_poly.pdbx_seq_one_letter_code
;MGSSHHHHHHSSGLVPRGSHMSKARVYADVNVLRPKEYWDYEALTVQWGEQDDYEVVRKVGRGKYSEVFEGINVNNNEKC
IIKILKPVKKKKIKREIKILQNL(CSO)GGPNIVKLLDIVRDQHSKTPSLIFEYVNNTDFKVLYPTLTDYDIRYYIYELL
KALDYCHSQGIMHRDVKPHNVMIDHELRKLRLIDWGLAEFYHPGKEYNVRVASRYFKGPELLVDLQDYDYSLDMWSLGCM
FAGMIFRKEPFFYGHDNHDQLVKIAKVLGTDGLNAYLNKYRIELDPQLEALVGRHSRKPWLKFMNADNQHLVSPEAIDFL
DKLLRYDHQERLTALEAMTHPYFQQVRAAENSRTRA
;
_entity_poly.pdbx_strand_id   A
#
loop_
_chem_comp.id
_chem_comp.type
_chem_comp.name
_chem_comp.formula
P55 non-polymer 2-(4-ETHYLPIPERAZIN-1-YL)-4-(PHENYLAMINO)PYRAZOLO[1,5-A][1,3,5]TRIAZINE-8-CARBONITRILE 'C18 H20 N8'
#
# COMPACT_ATOMS: atom_id res chain seq x y z
N MET A 21 1.39 -16.82 18.48
CA MET A 21 2.50 -16.46 17.56
C MET A 21 1.98 -16.34 16.13
N SER A 22 2.82 -15.83 15.24
CA SER A 22 2.44 -15.65 13.83
C SER A 22 3.59 -15.13 12.99
N LYS A 23 3.94 -15.86 11.94
CA LYS A 23 5.01 -15.43 11.06
C LYS A 23 4.59 -15.43 9.60
N ALA A 24 5.26 -14.60 8.80
CA ALA A 24 4.94 -14.53 7.39
C ALA A 24 5.21 -15.91 6.77
N ARG A 25 4.37 -16.30 5.81
CA ARG A 25 4.53 -17.59 5.15
C ARG A 25 5.62 -17.58 4.07
N VAL A 26 6.05 -16.38 3.67
CA VAL A 26 7.11 -16.24 2.67
C VAL A 26 8.06 -15.11 3.12
N TYR A 27 9.26 -15.10 2.58
CA TYR A 27 10.25 -14.06 2.89
C TYR A 27 10.40 -13.74 4.38
N ALA A 28 10.12 -14.72 5.24
CA ALA A 28 10.22 -14.50 6.68
C ALA A 28 11.63 -14.24 7.18
N ASP A 29 12.62 -14.89 6.57
CA ASP A 29 14.00 -14.73 7.01
C ASP A 29 14.86 -13.76 6.19
N VAL A 30 14.23 -12.87 5.44
CA VAL A 30 14.99 -11.92 4.62
C VAL A 30 15.98 -11.09 5.45
N ASN A 31 15.48 -10.43 6.48
CA ASN A 31 16.35 -9.61 7.31
C ASN A 31 17.25 -10.43 8.24
N VAL A 32 16.82 -11.65 8.57
CA VAL A 32 17.62 -12.52 9.43
C VAL A 32 18.95 -12.85 8.75
N LEU A 33 18.91 -13.09 7.45
CA LEU A 33 20.12 -13.44 6.73
C LEU A 33 20.94 -12.24 6.27
N ARG A 34 20.31 -11.06 6.26
CA ARG A 34 21.05 -9.87 5.83
C ARG A 34 21.72 -9.21 7.03
N PRO A 35 22.90 -8.60 6.80
CA PRO A 35 23.62 -7.95 7.89
C PRO A 35 22.93 -6.67 8.35
N LYS A 36 23.33 -6.18 9.52
CA LYS A 36 22.78 -4.96 10.11
C LYS A 36 22.86 -3.81 9.11
N GLU A 37 23.83 -3.91 8.21
CA GLU A 37 24.07 -2.90 7.17
C GLU A 37 22.80 -2.65 6.35
N TYR A 38 21.90 -3.63 6.34
CA TYR A 38 20.68 -3.51 5.55
C TYR A 38 19.44 -3.00 6.25
N TRP A 39 19.16 -3.53 7.43
CA TRP A 39 17.96 -3.16 8.17
C TRP A 39 18.13 -2.26 9.39
N ASP A 40 19.35 -2.16 9.91
CA ASP A 40 19.60 -1.29 11.07
C ASP A 40 19.62 0.15 10.57
N TYR A 41 18.43 0.67 10.28
CA TYR A 41 18.30 2.02 9.74
C TYR A 41 18.66 3.17 10.68
N GLU A 42 18.62 2.94 11.98
CA GLU A 42 18.96 4.01 12.91
C GLU A 42 20.47 4.28 12.93
N ALA A 43 21.21 3.57 12.09
CA ALA A 43 22.66 3.75 12.00
C ALA A 43 22.99 4.53 10.73
N LEU A 44 21.94 4.92 10.02
CA LEU A 44 22.08 5.68 8.78
C LEU A 44 22.61 7.07 9.01
N THR A 45 23.54 7.48 8.15
CA THR A 45 24.09 8.82 8.21
C THR A 45 23.66 9.47 6.91
N VAL A 46 22.70 10.36 6.99
CA VAL A 46 22.18 11.03 5.80
C VAL A 46 23.20 11.90 5.09
N GLN A 47 23.21 11.79 3.76
CA GLN A 47 24.11 12.59 2.93
C GLN A 47 23.17 13.59 2.25
N TRP A 48 23.31 14.88 2.56
CA TRP A 48 22.44 15.88 1.95
C TRP A 48 22.98 16.47 0.66
N GLY A 49 22.08 16.69 -0.30
CA GLY A 49 22.47 17.29 -1.56
C GLY A 49 22.29 18.79 -1.48
N GLU A 50 22.25 19.45 -2.62
CA GLU A 50 22.06 20.90 -2.61
C GLU A 50 20.61 21.24 -2.92
N GLN A 51 19.96 21.94 -2.00
CA GLN A 51 18.56 22.32 -2.18
C GLN A 51 18.33 23.18 -3.43
N ASP A 52 19.19 24.17 -3.62
CA ASP A 52 19.05 25.05 -4.78
C ASP A 52 18.95 24.23 -6.06
N ASP A 53 19.51 23.02 -6.05
CA ASP A 53 19.47 22.17 -7.23
C ASP A 53 18.04 21.84 -7.67
N TYR A 54 17.07 22.12 -6.81
CA TYR A 54 15.69 21.82 -7.13
C TYR A 54 14.76 23.00 -6.85
N GLU A 55 14.02 23.41 -7.87
CA GLU A 55 13.11 24.54 -7.73
C GLU A 55 11.67 24.14 -7.95
N VAL A 56 10.80 24.75 -7.16
CA VAL A 56 9.36 24.50 -7.21
C VAL A 56 8.77 25.02 -8.52
N VAL A 57 7.79 24.29 -9.04
CA VAL A 57 7.13 24.67 -10.27
C VAL A 57 5.63 24.81 -10.02
N ARG A 58 5.12 24.01 -9.07
CA ARG A 58 3.70 24.04 -8.71
C ARG A 58 3.38 22.99 -7.65
N LYS A 59 2.49 23.30 -6.73
CA LYS A 59 2.11 22.36 -5.71
C LYS A 59 1.14 21.36 -6.36
N VAL A 60 1.30 20.08 -6.03
CA VAL A 60 0.42 19.05 -6.58
C VAL A 60 -0.38 18.35 -5.48
N GLY A 61 -0.02 18.61 -4.23
CA GLY A 61 -0.75 17.99 -3.14
C GLY A 61 -0.22 18.30 -1.76
N ARG A 62 -0.92 17.81 -0.76
CA ARG A 62 -0.54 18.02 0.63
C ARG A 62 -1.13 16.89 1.48
N GLY A 63 -0.55 16.68 2.65
CA GLY A 63 -1.03 15.64 3.53
C GLY A 63 -0.65 16.01 4.95
N LYS A 64 -1.02 15.18 5.91
CA LYS A 64 -0.68 15.50 7.29
C LYS A 64 0.84 15.48 7.47
N TYR A 65 1.55 14.74 6.62
CA TYR A 65 3.00 14.64 6.77
C TYR A 65 3.87 15.50 5.87
N SER A 66 3.30 16.13 4.86
CA SER A 66 4.10 16.96 3.99
C SER A 66 3.29 17.77 2.99
N GLU A 67 4.03 18.55 2.20
CA GLU A 67 3.49 19.35 1.11
C GLU A 67 4.30 18.90 -0.12
N VAL A 68 3.58 18.55 -1.18
CA VAL A 68 4.21 18.04 -2.39
C VAL A 68 4.11 18.99 -3.58
N PHE A 69 5.24 19.18 -4.25
CA PHE A 69 5.32 20.08 -5.40
C PHE A 69 6.01 19.46 -6.62
N GLU A 70 5.60 19.91 -7.80
CA GLU A 70 6.25 19.45 -9.01
C GLU A 70 7.45 20.39 -9.08
N GLY A 71 8.65 19.83 -9.09
CA GLY A 71 9.81 20.67 -9.15
C GLY A 71 10.62 20.44 -10.40
N ILE A 72 11.78 21.08 -10.45
CA ILE A 72 12.67 20.95 -11.59
C ILE A 72 14.10 20.90 -11.11
N ASN A 73 14.90 20.03 -11.74
CA ASN A 73 16.30 19.88 -11.41
C ASN A 73 17.07 20.88 -12.28
N VAL A 74 17.45 22.00 -11.66
CA VAL A 74 18.17 23.06 -12.37
C VAL A 74 19.31 22.58 -13.27
N ASN A 75 20.05 21.57 -12.80
CA ASN A 75 21.16 21.04 -13.57
C ASN A 75 20.69 20.48 -14.90
N ASN A 76 20.13 19.27 -14.85
CA ASN A 76 19.64 18.56 -16.03
C ASN A 76 18.28 19.05 -16.54
N ASN A 77 17.69 19.99 -15.83
CA ASN A 77 16.38 20.54 -16.22
C ASN A 77 15.27 19.49 -16.31
N GLU A 78 15.45 18.34 -15.68
CA GLU A 78 14.43 17.30 -15.71
C GLU A 78 13.39 17.51 -14.62
N LYS A 79 12.15 17.10 -14.88
CA LYS A 79 11.08 17.24 -13.91
C LYS A 79 11.30 16.31 -12.70
N CYS A 80 10.90 16.78 -11.52
CA CYS A 80 11.03 15.98 -10.31
C CYS A 80 9.90 16.32 -9.37
N ILE A 81 9.84 15.61 -8.24
CA ILE A 81 8.82 15.83 -7.23
C ILE A 81 9.52 16.23 -5.95
N ILE A 82 9.10 17.36 -5.38
CA ILE A 82 9.70 17.82 -4.14
C ILE A 82 8.70 17.64 -3.01
N LYS A 83 9.10 16.81 -2.05
CA LYS A 83 8.29 16.52 -0.88
C LYS A 83 8.88 17.22 0.32
N ILE A 84 8.25 18.32 0.74
CA ILE A 84 8.71 19.10 1.89
C ILE A 84 8.06 18.53 3.15
N LEU A 85 8.88 17.87 3.97
CA LEU A 85 8.38 17.23 5.19
C LEU A 85 8.01 18.20 6.31
N LYS A 86 7.00 17.83 7.09
CA LYS A 86 6.59 18.63 8.24
C LYS A 86 7.40 18.04 9.38
N PRO A 87 7.43 18.70 10.55
CA PRO A 87 8.21 18.18 11.67
C PRO A 87 8.04 16.69 11.93
N VAL A 88 9.12 15.96 11.78
CA VAL A 88 9.12 14.51 11.97
C VAL A 88 10.33 14.08 12.80
N LYS A 89 10.23 12.92 13.46
CA LYS A 89 11.34 12.42 14.26
C LYS A 89 12.45 11.83 13.41
N LYS A 90 13.68 12.12 13.81
CA LYS A 90 14.85 11.62 13.09
C LYS A 90 14.77 10.13 12.79
N LYS A 91 14.18 9.36 13.70
CA LYS A 91 14.06 7.91 13.51
C LYS A 91 13.17 7.58 12.32
N LYS A 92 11.99 8.21 12.28
CA LYS A 92 11.03 7.98 11.22
C LYS A 92 11.58 8.36 9.84
N ILE A 93 12.37 9.45 9.80
CA ILE A 93 12.93 9.92 8.55
C ILE A 93 14.08 9.07 8.02
N LYS A 94 14.84 8.45 8.92
CA LYS A 94 15.93 7.59 8.48
C LYS A 94 15.36 6.24 8.05
N ARG A 95 14.11 5.99 8.43
CA ARG A 95 13.46 4.73 8.08
C ARG A 95 12.95 4.80 6.65
N GLU A 96 12.33 5.92 6.31
CA GLU A 96 11.82 6.10 4.95
C GLU A 96 12.99 6.15 3.98
N ILE A 97 14.05 6.83 4.37
CA ILE A 97 15.21 6.95 3.50
C ILE A 97 15.89 5.59 3.33
N LYS A 98 16.16 4.91 4.44
CA LYS A 98 16.82 3.61 4.37
C LYS A 98 16.02 2.64 3.51
N ILE A 99 14.70 2.69 3.63
CA ILE A 99 13.85 1.80 2.86
C ILE A 99 13.87 2.17 1.38
N LEU A 100 13.66 3.46 1.10
CA LEU A 100 13.69 3.95 -0.28
C LEU A 100 14.97 3.46 -0.93
N GLN A 101 16.09 3.72 -0.27
CA GLN A 101 17.38 3.29 -0.78
C GLN A 101 17.43 1.80 -0.98
N ASN A 102 16.87 1.05 -0.03
CA ASN A 102 16.89 -0.41 -0.12
C ASN A 102 16.14 -0.92 -1.34
N LEU A 103 15.02 -0.28 -1.68
CA LEU A 103 14.22 -0.70 -2.80
C LEU A 103 14.54 -0.07 -4.18
N CSO A 104 15.43 0.92 -4.23
CA CSO A 104 15.80 1.59 -5.48
CB CSO A 104 17.02 2.50 -5.30
SG CSO A 104 17.48 3.54 -6.76
C CSO A 104 16.09 0.62 -6.62
O CSO A 104 16.90 -0.28 -6.49
OD CSO A 104 16.29 4.67 -6.48
N GLY A 105 15.41 0.82 -7.75
CA GLY A 105 15.61 -0.03 -8.90
C GLY A 105 14.59 -1.15 -8.99
N GLY A 106 13.88 -1.38 -7.89
CA GLY A 106 12.87 -2.42 -7.88
C GLY A 106 11.73 -2.11 -8.84
N PRO A 107 11.05 -3.15 -9.36
CA PRO A 107 9.93 -2.96 -10.28
C PRO A 107 8.89 -2.02 -9.71
N ASN A 108 8.63 -0.95 -10.46
CA ASN A 108 7.64 0.04 -10.08
C ASN A 108 7.81 0.70 -8.71
N ILE A 109 9.03 0.74 -8.22
CA ILE A 109 9.28 1.39 -6.94
C ILE A 109 9.76 2.81 -7.21
N VAL A 110 9.02 3.80 -6.74
CA VAL A 110 9.42 5.20 -6.94
C VAL A 110 10.87 5.37 -6.54
N LYS A 111 11.64 6.09 -7.35
CA LYS A 111 13.06 6.31 -7.08
C LYS A 111 13.32 7.57 -6.27
N LEU A 112 14.16 7.45 -5.25
CA LEU A 112 14.53 8.59 -4.41
C LEU A 112 15.76 9.19 -5.08
N LEU A 113 15.64 10.43 -5.54
CA LEU A 113 16.72 11.12 -6.23
C LEU A 113 17.69 11.87 -5.33
N ASP A 114 17.16 12.62 -4.37
CA ASP A 114 18.01 13.39 -3.46
C ASP A 114 17.33 13.62 -2.12
N ILE A 115 18.08 14.20 -1.20
CA ILE A 115 17.57 14.52 0.13
C ILE A 115 18.24 15.82 0.55
N VAL A 116 17.44 16.86 0.79
CA VAL A 116 18.00 18.14 1.18
C VAL A 116 17.30 18.74 2.38
N ARG A 117 17.90 19.79 2.93
CA ARG A 117 17.35 20.46 4.11
C ARG A 117 17.53 21.97 3.96
N ASP A 118 16.75 22.72 4.73
CA ASP A 118 16.83 24.17 4.74
C ASP A 118 17.80 24.48 5.88
N GLN A 119 18.95 25.07 5.56
CA GLN A 119 19.93 25.37 6.59
C GLN A 119 19.34 26.03 7.83
N HIS A 120 18.59 27.10 7.62
CA HIS A 120 18.00 27.85 8.71
C HIS A 120 17.06 27.06 9.61
N SER A 121 16.01 26.47 9.05
CA SER A 121 15.06 25.72 9.85
C SER A 121 15.36 24.22 9.95
N LYS A 122 16.20 23.71 9.05
CA LYS A 122 16.57 22.30 9.00
C LYS A 122 15.47 21.47 8.36
N THR A 123 14.46 22.16 7.85
CA THR A 123 13.35 21.50 7.20
C THR A 123 13.88 20.63 6.05
N PRO A 124 13.58 19.33 6.07
CA PRO A 124 14.05 18.44 5.01
C PRO A 124 13.06 18.25 3.87
N SER A 125 13.58 17.92 2.70
CA SER A 125 12.78 17.68 1.51
C SER A 125 13.34 16.45 0.80
N LEU A 126 12.46 15.54 0.42
CA LEU A 126 12.91 14.35 -0.29
C LEU A 126 12.59 14.61 -1.75
N ILE A 127 13.58 14.43 -2.62
CA ILE A 127 13.40 14.65 -4.05
C ILE A 127 13.25 13.29 -4.73
N PHE A 128 12.07 13.08 -5.32
CA PHE A 128 11.74 11.82 -5.99
C PHE A 128 11.60 12.08 -7.49
N GLU A 129 11.46 10.99 -8.25
CA GLU A 129 11.26 11.11 -9.69
C GLU A 129 9.86 11.67 -9.90
N TYR A 130 9.65 12.31 -11.05
CA TYR A 130 8.35 12.88 -11.36
C TYR A 130 7.51 11.86 -12.13
N VAL A 131 6.23 11.81 -11.82
CA VAL A 131 5.31 10.94 -12.52
C VAL A 131 4.11 11.79 -12.87
N ASN A 132 3.84 11.94 -14.16
CA ASN A 132 2.70 12.74 -14.57
C ASN A 132 1.47 11.93 -14.21
N ASN A 133 1.07 12.02 -12.96
CA ASN A 133 -0.07 11.27 -12.46
C ASN A 133 -1.41 11.92 -12.78
N THR A 134 -2.44 11.07 -12.86
CA THR A 134 -3.80 11.53 -13.11
C THR A 134 -4.60 11.07 -11.89
N ASP A 135 -5.26 12.00 -11.21
CA ASP A 135 -6.03 11.69 -10.01
C ASP A 135 -6.96 10.49 -10.16
N PHE A 136 -6.81 9.50 -9.27
CA PHE A 136 -7.62 8.30 -9.35
C PHE A 136 -9.10 8.59 -9.40
N LYS A 137 -9.52 9.61 -8.67
CA LYS A 137 -10.93 9.99 -8.64
C LYS A 137 -11.47 10.15 -10.04
N VAL A 138 -10.64 10.69 -10.93
CA VAL A 138 -11.03 10.90 -12.31
C VAL A 138 -10.52 9.77 -13.22
N LEU A 139 -9.29 9.33 -12.98
CA LEU A 139 -8.70 8.26 -13.80
C LEU A 139 -9.41 6.91 -13.75
N TYR A 140 -9.53 6.33 -12.56
CA TYR A 140 -10.16 5.03 -12.40
C TYR A 140 -11.46 4.80 -13.14
N PRO A 141 -12.39 5.76 -13.11
CA PRO A 141 -13.67 5.58 -13.81
C PRO A 141 -13.54 5.36 -15.32
N THR A 142 -12.41 5.76 -15.90
CA THR A 142 -12.20 5.60 -17.34
C THR A 142 -11.44 4.31 -17.68
N LEU A 143 -10.86 3.69 -16.66
CA LEU A 143 -10.11 2.46 -16.88
C LEU A 143 -10.96 1.32 -17.42
N THR A 144 -10.45 0.63 -18.43
CA THR A 144 -11.17 -0.50 -19.00
C THR A 144 -10.89 -1.76 -18.18
N ASP A 145 -11.58 -2.84 -18.49
CA ASP A 145 -11.40 -4.11 -17.82
C ASP A 145 -9.90 -4.42 -17.86
N TYR A 146 -9.34 -4.37 -19.07
CA TYR A 146 -7.91 -4.67 -19.25
C TYR A 146 -6.97 -3.70 -18.53
N ASP A 147 -7.35 -2.42 -18.48
CA ASP A 147 -6.53 -1.40 -17.82
C ASP A 147 -6.37 -1.76 -16.35
N ILE A 148 -7.47 -2.17 -15.77
CA ILE A 148 -7.51 -2.55 -14.36
C ILE A 148 -6.60 -3.73 -14.09
N ARG A 149 -6.71 -4.77 -14.93
CA ARG A 149 -5.88 -5.96 -14.75
C ARG A 149 -4.41 -5.61 -14.89
N TYR A 150 -4.12 -4.80 -15.90
CA TYR A 150 -2.78 -4.34 -16.16
C TYR A 150 -2.15 -3.57 -14.98
N TYR A 151 -2.83 -2.52 -14.52
CA TYR A 151 -2.29 -1.73 -13.43
C TYR A 151 -2.18 -2.47 -12.09
N ILE A 152 -3.17 -3.31 -11.79
CA ILE A 152 -3.12 -4.07 -10.55
C ILE A 152 -1.86 -4.93 -10.63
N TYR A 153 -1.66 -5.56 -11.80
CA TYR A 153 -0.50 -6.40 -12.03
C TYR A 153 0.80 -5.66 -11.75
N GLU A 154 0.92 -4.45 -12.30
CA GLU A 154 2.11 -3.64 -12.10
C GLU A 154 2.34 -3.33 -10.63
N LEU A 155 1.25 -3.01 -9.94
CA LEU A 155 1.32 -2.70 -8.52
C LEU A 155 1.72 -3.95 -7.72
N LEU A 156 1.30 -5.13 -8.19
CA LEU A 156 1.64 -6.38 -7.52
C LEU A 156 3.13 -6.65 -7.62
N LYS A 157 3.73 -6.27 -8.75
CA LYS A 157 5.16 -6.47 -8.94
C LYS A 157 5.93 -5.68 -7.88
N ALA A 158 5.42 -4.50 -7.55
CA ALA A 158 6.10 -3.67 -6.58
C ALA A 158 6.00 -4.27 -5.18
N LEU A 159 4.84 -4.81 -4.87
CA LEU A 159 4.62 -5.40 -3.56
C LEU A 159 5.45 -6.64 -3.36
N ASP A 160 5.48 -7.53 -4.36
CA ASP A 160 6.28 -8.74 -4.23
C ASP A 160 7.74 -8.36 -4.09
N TYR A 161 8.15 -7.35 -4.84
CA TYR A 161 9.53 -6.94 -4.74
C TYR A 161 9.90 -6.45 -3.34
N CYS A 162 9.15 -5.51 -2.79
CA CYS A 162 9.52 -5.02 -1.47
C CYS A 162 9.35 -6.09 -0.41
N HIS A 163 8.34 -6.94 -0.57
CA HIS A 163 8.15 -8.02 0.41
C HIS A 163 9.36 -8.95 0.34
N SER A 164 9.85 -9.17 -0.87
CA SER A 164 10.99 -10.05 -1.08
C SER A 164 12.23 -9.38 -0.50
N GLN A 165 12.13 -8.09 -0.20
CA GLN A 165 13.26 -7.35 0.35
C GLN A 165 13.09 -7.15 1.84
N GLY A 166 12.20 -7.95 2.43
CA GLY A 166 11.96 -7.86 3.86
C GLY A 166 11.27 -6.58 4.26
N ILE A 167 10.49 -6.00 3.36
CA ILE A 167 9.81 -4.76 3.68
C ILE A 167 8.31 -4.75 3.45
N MET A 168 7.59 -4.12 4.39
CA MET A 168 6.14 -3.97 4.34
C MET A 168 5.88 -2.50 4.04
N HIS A 169 4.98 -2.21 3.11
CA HIS A 169 4.66 -0.81 2.76
C HIS A 169 3.80 -0.23 3.87
N ARG A 170 2.80 -0.99 4.26
CA ARG A 170 1.88 -0.61 5.33
C ARG A 170 0.99 0.59 5.06
N ASP A 171 0.83 0.98 3.80
CA ASP A 171 -0.03 2.11 3.48
C ASP A 171 -0.42 2.11 2.00
N VAL A 172 -0.88 0.96 1.53
CA VAL A 172 -1.30 0.80 0.16
C VAL A 172 -2.68 1.40 -0.04
N LYS A 173 -2.80 2.32 -0.99
CA LYS A 173 -4.07 2.97 -1.32
C LYS A 173 -3.89 3.73 -2.65
N PRO A 174 -4.99 4.06 -3.34
CA PRO A 174 -4.88 4.78 -4.62
C PRO A 174 -3.97 6.00 -4.54
N HIS A 175 -4.17 6.80 -3.50
CA HIS A 175 -3.38 8.02 -3.30
C HIS A 175 -1.87 7.79 -3.37
N ASN A 176 -1.42 6.56 -3.09
CA ASN A 176 0.00 6.24 -3.11
C ASN A 176 0.46 5.45 -4.33
N VAL A 177 -0.42 5.37 -5.32
CA VAL A 177 -0.10 4.67 -6.56
C VAL A 177 -0.18 5.72 -7.69
N MET A 178 0.98 6.20 -8.14
CA MET A 178 1.02 7.22 -9.19
C MET A 178 0.91 6.56 -10.56
N ILE A 179 0.03 7.06 -11.41
CA ILE A 179 -0.13 6.49 -12.73
C ILE A 179 -0.14 7.52 -13.86
N ASP A 180 0.78 7.33 -14.80
CA ASP A 180 0.84 8.18 -15.99
C ASP A 180 0.12 7.33 -17.00
N HIS A 181 -1.20 7.47 -17.06
CA HIS A 181 -2.03 6.68 -17.95
C HIS A 181 -1.54 6.72 -19.39
N GLU A 182 -1.15 7.90 -19.82
CA GLU A 182 -0.65 8.09 -21.18
C GLU A 182 0.40 7.02 -21.49
N LEU A 183 1.45 7.00 -20.67
CA LEU A 183 2.57 6.08 -20.83
C LEU A 183 2.39 4.74 -20.10
N ARG A 184 1.23 4.55 -19.48
CA ARG A 184 0.93 3.33 -18.75
C ARG A 184 2.07 2.96 -17.80
N LYS A 185 2.62 3.96 -17.13
CA LYS A 185 3.70 3.77 -16.17
C LYS A 185 3.13 3.91 -14.76
N LEU A 186 3.47 2.98 -13.88
CA LEU A 186 2.96 3.02 -12.51
C LEU A 186 4.08 3.00 -11.47
N ARG A 187 3.86 3.73 -10.39
CA ARG A 187 4.84 3.79 -9.32
C ARG A 187 4.15 3.74 -7.96
N LEU A 188 4.73 2.95 -7.05
CA LEU A 188 4.20 2.84 -5.70
C LEU A 188 4.98 3.87 -4.89
N ILE A 189 4.30 4.87 -4.34
CA ILE A 189 4.99 5.91 -3.58
C ILE A 189 4.66 5.94 -2.08
N ASP A 190 5.25 6.95 -1.43
CA ASP A 190 5.06 7.24 -0.02
C ASP A 190 5.42 6.11 0.94
N TRP A 191 6.71 5.83 1.07
CA TRP A 191 7.19 4.78 1.93
C TRP A 191 7.47 5.30 3.33
N GLY A 192 6.60 6.20 3.80
CA GLY A 192 6.74 6.81 5.12
C GLY A 192 6.17 5.99 6.27
N LEU A 193 5.60 4.83 5.97
CA LEU A 193 5.05 3.97 7.02
C LEU A 193 5.66 2.58 6.89
N ALA A 194 6.35 2.36 5.79
CA ALA A 194 7.01 1.09 5.55
C ALA A 194 7.87 0.62 6.73
N GLU A 195 8.05 -0.69 6.86
CA GLU A 195 8.89 -1.25 7.91
C GLU A 195 9.59 -2.52 7.45
N PHE A 196 10.68 -2.87 8.14
CA PHE A 196 11.41 -4.08 7.84
C PHE A 196 10.68 -5.17 8.60
N TYR A 197 10.56 -6.34 8.00
CA TYR A 197 9.88 -7.44 8.67
C TYR A 197 10.86 -8.30 9.44
N HIS A 198 10.51 -8.58 10.70
CA HIS A 198 11.33 -9.41 11.57
C HIS A 198 10.37 -10.44 12.17
N PRO A 199 10.66 -11.75 11.99
CA PRO A 199 9.77 -12.78 12.52
C PRO A 199 9.45 -12.60 14.00
N GLY A 200 8.16 -12.62 14.31
CA GLY A 200 7.73 -12.48 15.69
C GLY A 200 7.68 -11.07 16.24
N LYS A 201 8.29 -10.12 15.53
CA LYS A 201 8.28 -8.74 16.00
C LYS A 201 6.86 -8.22 16.06
N GLU A 202 6.57 -7.38 17.05
CA GLU A 202 5.24 -6.80 17.21
C GLU A 202 5.31 -5.35 16.75
N TYR A 203 4.57 -5.03 15.69
CA TYR A 203 4.57 -3.68 15.14
C TYR A 203 3.36 -2.90 15.60
N ASN A 204 3.46 -1.58 15.45
CA ASN A 204 2.38 -0.67 15.81
C ASN A 204 1.28 -0.96 14.81
N VAL A 205 0.03 -0.97 15.27
CA VAL A 205 -1.07 -1.24 14.37
C VAL A 205 -1.66 0.06 13.86
N ARG A 206 -1.04 1.17 14.25
CA ARG A 206 -1.50 2.49 13.83
C ARG A 206 -0.91 2.87 12.47
N VAL A 207 -1.09 2.02 11.47
CA VAL A 207 -0.58 2.29 10.13
C VAL A 207 -1.65 2.23 9.06
N ALA A 208 -1.25 2.53 7.82
CA ALA A 208 -2.16 2.50 6.68
C ALA A 208 -3.28 3.50 6.88
N SER A 209 -4.11 3.68 5.87
CA SER A 209 -5.22 4.60 5.97
C SER A 209 -6.44 3.79 6.33
N ARG A 210 -7.35 4.40 7.08
CA ARG A 210 -8.55 3.72 7.55
C ARG A 210 -9.24 2.77 6.56
N TYR A 211 -9.63 3.29 5.39
CA TYR A 211 -10.35 2.50 4.40
C TYR A 211 -9.60 1.27 3.90
N PHE A 212 -8.30 1.25 4.14
CA PHE A 212 -7.49 0.14 3.67
C PHE A 212 -6.82 -0.63 4.79
N LYS A 213 -7.20 -0.33 6.03
CA LYS A 213 -6.62 -1.03 7.18
C LYS A 213 -7.16 -2.45 7.25
N GLY A 214 -6.26 -3.40 7.40
CA GLY A 214 -6.70 -4.78 7.50
C GLY A 214 -7.17 -5.15 8.90
N PRO A 215 -7.92 -6.25 9.03
CA PRO A 215 -8.45 -6.76 10.30
C PRO A 215 -7.38 -6.92 11.36
N GLU A 216 -6.19 -7.35 10.95
CA GLU A 216 -5.10 -7.53 11.92
C GLU A 216 -4.87 -6.24 12.68
N LEU A 217 -4.93 -5.12 11.97
CA LEU A 217 -4.74 -3.82 12.60
C LEU A 217 -5.96 -3.44 13.42
N LEU A 218 -7.16 -3.73 12.88
CA LEU A 218 -8.40 -3.40 13.57
C LEU A 218 -8.64 -4.21 14.86
N VAL A 219 -7.97 -5.34 15.01
CA VAL A 219 -8.15 -6.14 16.22
C VAL A 219 -6.85 -6.19 17.01
N ASP A 220 -5.99 -5.20 16.77
CA ASP A 220 -4.71 -5.06 17.44
C ASP A 220 -3.69 -6.18 17.28
N LEU A 221 -3.89 -7.08 16.33
CA LEU A 221 -2.92 -8.14 16.12
C LEU A 221 -1.63 -7.45 15.65
N GLN A 222 -0.65 -7.41 16.54
CA GLN A 222 0.62 -6.73 16.27
C GLN A 222 1.68 -7.51 15.51
N ASP A 223 1.61 -8.83 15.56
CA ASP A 223 2.62 -9.57 14.83
C ASP A 223 2.10 -9.92 13.45
N TYR A 224 1.82 -8.87 12.69
CA TYR A 224 1.32 -8.98 11.32
C TYR A 224 2.50 -8.96 10.36
N ASP A 225 2.23 -9.05 9.05
CA ASP A 225 3.33 -9.05 8.10
C ASP A 225 2.97 -8.51 6.71
N TYR A 226 3.74 -8.93 5.72
CA TYR A 226 3.55 -8.49 4.34
C TYR A 226 2.10 -8.57 3.90
N SER A 227 1.39 -9.57 4.42
CA SER A 227 -0.02 -9.83 4.09
C SER A 227 -0.96 -8.65 4.32
N LEU A 228 -0.58 -7.73 5.19
CA LEU A 228 -1.44 -6.58 5.46
C LEU A 228 -1.60 -5.77 4.17
N ASP A 229 -0.52 -5.71 3.39
CA ASP A 229 -0.59 -4.96 2.13
C ASP A 229 -1.56 -5.60 1.13
N MET A 230 -1.73 -6.92 1.25
CA MET A 230 -2.62 -7.60 0.32
C MET A 230 -4.08 -7.30 0.59
N TRP A 231 -4.42 -7.01 1.84
CA TRP A 231 -5.81 -6.67 2.18
C TRP A 231 -6.08 -5.28 1.58
N SER A 232 -5.12 -4.38 1.76
CA SER A 232 -5.21 -3.03 1.23
C SER A 232 -5.41 -3.15 -0.29
N LEU A 233 -4.53 -3.88 -0.95
CA LEU A 233 -4.64 -4.06 -2.40
C LEU A 233 -6.04 -4.56 -2.75
N GLY A 234 -6.55 -5.53 -1.98
CA GLY A 234 -7.86 -6.06 -2.25
C GLY A 234 -8.95 -5.01 -2.16
N CYS A 235 -8.78 -4.08 -1.23
CA CYS A 235 -9.74 -3.00 -1.04
C CYS A 235 -9.74 -2.13 -2.30
N MET A 236 -8.54 -1.86 -2.80
CA MET A 236 -8.36 -1.05 -4.00
C MET A 236 -8.99 -1.74 -5.20
N PHE A 237 -8.80 -3.05 -5.26
CA PHE A 237 -9.32 -3.84 -6.36
C PHE A 237 -10.85 -3.87 -6.36
N ALA A 238 -11.44 -4.08 -5.20
CA ALA A 238 -12.89 -4.13 -5.09
C ALA A 238 -13.54 -2.82 -5.53
N GLY A 239 -12.93 -1.70 -5.11
CA GLY A 239 -13.46 -0.40 -5.45
C GLY A 239 -13.44 -0.17 -6.95
N MET A 240 -12.34 -0.59 -7.56
CA MET A 240 -12.17 -0.45 -9.01
C MET A 240 -13.17 -1.26 -9.85
N ILE A 241 -13.35 -2.55 -9.54
CA ILE A 241 -14.28 -3.33 -10.34
C ILE A 241 -15.75 -3.07 -10.00
N PHE A 242 -16.01 -2.73 -8.75
CA PHE A 242 -17.38 -2.45 -8.34
C PHE A 242 -17.71 -0.99 -8.48
N ARG A 243 -16.71 -0.19 -8.84
CA ARG A 243 -16.92 1.23 -9.05
C ARG A 243 -17.53 1.86 -7.81
N LYS A 244 -16.95 1.55 -6.66
CA LYS A 244 -17.45 2.08 -5.41
C LYS A 244 -16.25 2.41 -4.55
N GLU A 245 -15.77 3.66 -4.67
CA GLU A 245 -14.63 4.09 -3.91
C GLU A 245 -15.05 5.02 -2.76
N PRO A 246 -14.65 4.68 -1.53
CA PRO A 246 -13.87 3.50 -1.22
C PRO A 246 -14.86 2.35 -1.02
N PHE A 247 -14.41 1.11 -1.17
CA PHE A 247 -15.32 0.00 -1.01
C PHE A 247 -15.87 -0.13 0.41
N PHE A 248 -14.98 -0.01 1.39
CA PHE A 248 -15.37 -0.11 2.80
C PHE A 248 -15.32 1.29 3.43
N TYR A 249 -16.45 1.99 3.36
CA TYR A 249 -16.58 3.36 3.85
C TYR A 249 -16.97 3.52 5.33
N GLY A 250 -15.98 3.42 6.21
CA GLY A 250 -16.23 3.59 7.63
C GLY A 250 -15.75 4.98 8.06
N HIS A 251 -16.03 5.37 9.30
CA HIS A 251 -15.57 6.69 9.74
C HIS A 251 -14.54 6.66 10.86
N ASP A 252 -14.43 5.54 11.57
CA ASP A 252 -13.42 5.42 12.62
C ASP A 252 -12.95 3.97 12.66
N ASN A 253 -11.83 3.72 13.31
CA ASN A 253 -11.27 2.38 13.39
C ASN A 253 -12.29 1.28 13.75
N HIS A 254 -13.22 1.61 14.65
CA HIS A 254 -14.23 0.63 15.05
C HIS A 254 -15.26 0.40 13.94
N ASP A 255 -15.72 1.48 13.33
CA ASP A 255 -16.72 1.39 12.27
C ASP A 255 -16.15 0.81 10.98
N GLN A 256 -14.83 0.76 10.88
CA GLN A 256 -14.17 0.20 9.71
C GLN A 256 -14.36 -1.31 9.80
N LEU A 257 -14.16 -1.83 11.02
CA LEU A 257 -14.31 -3.25 11.26
C LEU A 257 -15.76 -3.71 11.11
N VAL A 258 -16.70 -2.80 11.34
CA VAL A 258 -18.13 -3.09 11.23
C VAL A 258 -18.54 -3.19 9.77
N LYS A 259 -17.97 -2.32 8.94
CA LYS A 259 -18.26 -2.33 7.53
C LYS A 259 -17.70 -3.62 6.91
N ILE A 260 -16.50 -3.99 7.34
CA ILE A 260 -15.87 -5.19 6.84
C ILE A 260 -16.75 -6.39 7.23
N ALA A 261 -17.25 -6.38 8.47
CA ALA A 261 -18.10 -7.46 8.96
C ALA A 261 -19.41 -7.62 8.19
N LYS A 262 -20.09 -6.51 7.92
CA LYS A 262 -21.36 -6.57 7.20
C LYS A 262 -21.23 -7.18 5.80
N VAL A 263 -20.00 -7.46 5.38
CA VAL A 263 -19.80 -8.04 4.05
C VAL A 263 -19.29 -9.48 4.11
N LEU A 264 -18.17 -9.69 4.80
CA LEU A 264 -17.61 -11.03 4.91
C LEU A 264 -18.34 -11.88 5.94
N GLY A 265 -19.16 -11.25 6.78
CA GLY A 265 -19.89 -11.99 7.80
C GLY A 265 -19.10 -12.16 9.08
N THR A 266 -19.80 -12.27 10.21
CA THR A 266 -19.16 -12.42 11.51
C THR A 266 -18.62 -13.80 11.88
N ASP A 267 -19.10 -14.84 11.22
CA ASP A 267 -18.60 -16.18 11.53
C ASP A 267 -17.12 -16.22 11.19
N GLY A 268 -16.78 -15.65 10.04
CA GLY A 268 -15.39 -15.61 9.63
C GLY A 268 -14.58 -14.79 10.61
N LEU A 269 -15.17 -13.71 11.10
CA LEU A 269 -14.50 -12.84 12.06
C LEU A 269 -14.23 -13.56 13.37
N ASN A 270 -15.22 -14.32 13.83
CA ASN A 270 -15.09 -15.06 15.08
C ASN A 270 -14.03 -16.14 14.97
N ALA A 271 -14.08 -16.93 13.90
CA ALA A 271 -13.10 -17.99 13.70
C ALA A 271 -11.71 -17.36 13.69
N TYR A 272 -11.59 -16.20 13.04
CA TYR A 272 -10.33 -15.47 12.96
C TYR A 272 -9.83 -15.15 14.38
N LEU A 273 -10.66 -14.45 15.13
CA LEU A 273 -10.35 -14.10 16.51
C LEU A 273 -9.98 -15.32 17.35
N ASN A 274 -10.74 -16.39 17.17
CA ASN A 274 -10.50 -17.62 17.92
C ASN A 274 -9.16 -18.25 17.55
N LYS A 275 -8.83 -18.23 16.27
CA LYS A 275 -7.57 -18.80 15.81
C LYS A 275 -6.37 -18.08 16.44
N TYR A 276 -6.50 -16.78 16.64
CA TYR A 276 -5.40 -16.00 17.21
C TYR A 276 -5.59 -15.61 18.67
N ARG A 277 -6.42 -16.38 19.37
CA ARG A 277 -6.71 -16.13 20.79
C ARG A 277 -6.84 -14.63 21.04
N ILE A 278 -7.59 -13.98 20.16
CA ILE A 278 -7.81 -12.54 20.28
C ILE A 278 -9.19 -12.27 20.82
N GLU A 279 -9.27 -11.36 21.77
CA GLU A 279 -10.55 -11.00 22.36
C GLU A 279 -10.84 -9.56 21.95
N LEU A 280 -12.02 -9.35 21.38
CA LEU A 280 -12.41 -8.04 20.92
C LEU A 280 -12.76 -7.15 22.11
N ASP A 281 -12.66 -5.83 21.95
CA ASP A 281 -13.02 -4.92 23.02
C ASP A 281 -14.54 -4.87 23.08
N PRO A 282 -15.12 -5.06 24.28
CA PRO A 282 -16.55 -5.05 24.54
C PRO A 282 -17.38 -4.09 23.68
N GLN A 283 -17.08 -2.80 23.75
CA GLN A 283 -17.83 -1.83 22.96
C GLN A 283 -17.74 -2.16 21.47
N LEU A 284 -16.55 -2.54 21.04
CA LEU A 284 -16.33 -2.88 19.64
C LEU A 284 -17.16 -4.10 19.26
N GLU A 285 -17.04 -5.17 20.04
CA GLU A 285 -17.79 -6.38 19.78
C GLU A 285 -19.29 -6.04 19.81
N ALA A 286 -19.61 -4.92 20.43
CA ALA A 286 -20.99 -4.48 20.53
C ALA A 286 -21.45 -3.96 19.17
N LEU A 287 -20.64 -3.11 18.57
CA LEU A 287 -20.96 -2.52 17.27
C LEU A 287 -21.03 -3.55 16.15
N VAL A 288 -20.02 -4.41 16.05
CA VAL A 288 -19.96 -5.43 15.02
C VAL A 288 -21.27 -6.21 14.92
N GLY A 289 -21.74 -6.72 16.06
CA GLY A 289 -22.97 -7.49 16.08
C GLY A 289 -22.79 -8.81 15.36
N ARG A 290 -23.83 -9.25 14.65
CA ARG A 290 -23.76 -10.50 13.90
C ARG A 290 -24.25 -10.24 12.49
N HIS A 291 -23.47 -10.64 11.49
CA HIS A 291 -23.85 -10.42 10.11
C HIS A 291 -23.57 -11.60 9.18
N SER A 292 -24.54 -11.92 8.34
CA SER A 292 -24.38 -13.00 7.39
C SER A 292 -23.39 -12.50 6.34
N ARG A 293 -22.83 -13.44 5.58
CA ARG A 293 -21.88 -13.08 4.53
C ARG A 293 -22.63 -12.74 3.24
N LYS A 294 -22.23 -11.64 2.60
CA LYS A 294 -22.87 -11.19 1.37
C LYS A 294 -22.03 -11.58 0.16
N PRO A 295 -22.59 -12.38 -0.76
CA PRO A 295 -21.86 -12.81 -1.96
C PRO A 295 -21.31 -11.57 -2.67
N TRP A 296 -20.16 -11.71 -3.31
CA TRP A 296 -19.56 -10.59 -4.02
C TRP A 296 -20.45 -10.07 -5.15
N LEU A 297 -21.29 -10.95 -5.71
CA LEU A 297 -22.15 -10.54 -6.80
C LEU A 297 -23.25 -9.56 -6.40
N LYS A 298 -23.58 -9.51 -5.11
CA LYS A 298 -24.60 -8.59 -4.66
C LYS A 298 -24.16 -7.15 -4.85
N PHE A 299 -22.94 -6.96 -5.37
CA PHE A 299 -22.39 -5.63 -5.61
C PHE A 299 -22.32 -5.28 -7.09
N MET A 300 -22.89 -6.12 -7.93
CA MET A 300 -22.84 -5.89 -9.37
C MET A 300 -24.00 -5.00 -9.81
N ASN A 301 -23.73 -4.15 -10.80
CA ASN A 301 -24.75 -3.24 -11.34
C ASN A 301 -24.34 -2.72 -12.72
N ALA A 302 -25.32 -2.18 -13.44
CA ALA A 302 -25.09 -1.63 -14.78
C ALA A 302 -23.83 -0.79 -14.91
N ASP A 303 -23.48 -0.07 -13.86
CA ASP A 303 -22.28 0.78 -13.87
C ASP A 303 -20.97 -0.04 -13.86
N ASN A 304 -20.98 -1.19 -13.20
CA ASN A 304 -19.77 -2.01 -13.09
C ASN A 304 -19.84 -3.41 -13.68
N GLN A 305 -20.93 -3.73 -14.35
CA GLN A 305 -21.10 -5.07 -14.93
C GLN A 305 -20.01 -5.51 -15.91
N HIS A 306 -19.52 -4.59 -16.72
CA HIS A 306 -18.49 -4.92 -17.70
C HIS A 306 -17.14 -5.18 -17.02
N LEU A 307 -17.11 -5.12 -15.69
CA LEU A 307 -15.87 -5.31 -14.95
C LEU A 307 -15.85 -6.46 -13.95
N VAL A 308 -17.00 -7.06 -13.66
CA VAL A 308 -17.06 -8.09 -12.63
C VAL A 308 -17.12 -9.57 -13.02
N SER A 309 -16.29 -9.99 -13.97
CA SER A 309 -16.25 -11.39 -14.40
C SER A 309 -15.90 -12.31 -13.22
N PRO A 310 -16.18 -13.61 -13.36
CA PRO A 310 -15.89 -14.58 -12.30
C PRO A 310 -14.43 -14.56 -11.83
N GLU A 311 -13.50 -14.45 -12.77
CA GLU A 311 -12.07 -14.41 -12.42
C GLU A 311 -11.80 -13.25 -11.49
N ALA A 312 -12.40 -12.10 -11.79
CA ALA A 312 -12.21 -10.90 -10.96
C ALA A 312 -12.72 -11.17 -9.56
N ILE A 313 -13.83 -11.90 -9.48
CA ILE A 313 -14.44 -12.25 -8.19
C ILE A 313 -13.61 -13.29 -7.45
N ASP A 314 -13.17 -14.32 -8.17
CA ASP A 314 -12.37 -15.37 -7.54
C ASP A 314 -11.13 -14.75 -6.92
N PHE A 315 -10.53 -13.81 -7.66
CA PHE A 315 -9.33 -13.13 -7.25
C PHE A 315 -9.57 -12.25 -6.03
N LEU A 316 -10.58 -11.40 -6.11
CA LEU A 316 -10.89 -10.51 -4.99
C LEU A 316 -11.13 -11.35 -3.74
N ASP A 317 -11.87 -12.43 -3.92
CA ASP A 317 -12.22 -13.30 -2.81
C ASP A 317 -11.04 -13.88 -2.05
N LYS A 318 -9.97 -14.14 -2.78
CA LYS A 318 -8.77 -14.71 -2.20
C LYS A 318 -7.84 -13.65 -1.62
N LEU A 319 -8.23 -12.39 -1.73
CA LEU A 319 -7.42 -11.31 -1.16
C LEU A 319 -8.06 -10.86 0.15
N LEU A 320 -9.35 -10.55 0.09
CA LEU A 320 -10.08 -10.10 1.26
C LEU A 320 -10.51 -11.25 2.17
N ARG A 321 -9.58 -11.71 3.00
CA ARG A 321 -9.85 -12.79 3.94
C ARG A 321 -9.45 -12.24 5.30
N TYR A 322 -10.24 -12.53 6.33
CA TYR A 322 -9.91 -12.07 7.67
C TYR A 322 -8.50 -12.51 8.04
N ASP A 323 -8.28 -13.81 7.99
CA ASP A 323 -7.00 -14.37 8.35
C ASP A 323 -5.96 -13.97 7.32
N HIS A 324 -5.08 -13.06 7.70
CA HIS A 324 -4.03 -12.58 6.83
C HIS A 324 -3.17 -13.74 6.33
N GLN A 325 -3.17 -14.85 7.08
CA GLN A 325 -2.38 -16.00 6.68
C GLN A 325 -3.01 -16.73 5.52
N GLU A 326 -4.30 -16.51 5.31
CA GLU A 326 -5.01 -17.15 4.23
C GLU A 326 -4.93 -16.39 2.90
N ARG A 327 -4.71 -15.08 2.98
CA ARG A 327 -4.64 -14.25 1.78
C ARG A 327 -3.54 -14.65 0.82
N LEU A 328 -3.75 -14.38 -0.46
CA LEU A 328 -2.74 -14.69 -1.45
C LEU A 328 -1.54 -13.80 -1.18
N THR A 329 -0.35 -14.30 -1.49
CA THR A 329 0.86 -13.51 -1.35
C THR A 329 0.92 -12.74 -2.67
N ALA A 330 1.75 -11.70 -2.74
CA ALA A 330 1.86 -10.92 -3.98
C ALA A 330 2.29 -11.81 -5.14
N LEU A 331 3.26 -12.69 -4.89
CA LEU A 331 3.74 -13.60 -5.92
C LEU A 331 2.61 -14.50 -6.42
N GLU A 332 1.81 -15.04 -5.50
CA GLU A 332 0.69 -15.91 -5.89
C GLU A 332 -0.34 -15.13 -6.69
N ALA A 333 -0.65 -13.92 -6.25
CA ALA A 333 -1.65 -13.10 -6.91
C ALA A 333 -1.29 -12.85 -8.38
N MET A 334 -0.02 -12.54 -8.63
CA MET A 334 0.47 -12.25 -9.99
C MET A 334 0.25 -13.43 -10.95
N THR A 335 0.11 -14.62 -10.39
CA THR A 335 -0.08 -15.79 -11.25
C THR A 335 -1.52 -16.23 -11.39
N HIS A 336 -2.44 -15.55 -10.71
CA HIS A 336 -3.87 -15.91 -10.78
C HIS A 336 -4.29 -15.75 -12.26
N PRO A 337 -5.16 -16.65 -12.77
CA PRO A 337 -5.63 -16.60 -14.17
C PRO A 337 -6.24 -15.27 -14.61
N TYR A 338 -6.75 -14.50 -13.65
CA TYR A 338 -7.35 -13.20 -13.94
C TYR A 338 -6.37 -12.33 -14.73
N PHE A 339 -5.09 -12.49 -14.42
CA PHE A 339 -4.02 -11.74 -15.09
C PHE A 339 -3.40 -12.40 -16.31
N GLN A 340 -3.91 -13.55 -16.75
CA GLN A 340 -3.29 -14.25 -17.87
C GLN A 340 -3.02 -13.43 -19.13
N GLN A 341 -3.94 -12.55 -19.52
CA GLN A 341 -3.70 -11.76 -20.74
C GLN A 341 -2.54 -10.78 -20.54
N VAL A 342 -2.42 -10.24 -19.34
CA VAL A 342 -1.36 -9.31 -19.02
C VAL A 342 -0.02 -10.05 -19.06
N ARG A 343 -0.01 -11.27 -18.52
CA ARG A 343 1.22 -12.07 -18.52
C ARG A 343 1.61 -12.45 -19.92
N ALA A 344 0.65 -12.97 -20.69
CA ALA A 344 0.92 -13.38 -22.06
C ALA A 344 1.43 -12.20 -22.89
N ALA A 345 0.90 -11.01 -22.63
CA ALA A 345 1.32 -9.83 -23.38
C ALA A 345 2.75 -9.46 -23.05
N GLU A 346 3.07 -9.50 -21.77
CA GLU A 346 4.40 -9.17 -21.29
C GLU A 346 5.46 -10.08 -21.88
N ASN A 347 5.25 -11.39 -21.77
CA ASN A 347 6.21 -12.37 -22.29
C ASN A 347 6.32 -12.35 -23.82
N SER A 348 6.32 -11.15 -24.38
CA SER A 348 6.43 -10.96 -25.82
C SER A 348 7.32 -9.74 -26.08
N01 P55 B . 4.97 11.68 -8.63
C02 P55 B . 5.91 10.99 -7.91
C03 P55 B . 5.61 11.12 -6.54
C04 P55 B . 4.42 11.94 -6.49
N05 P55 B . 4.08 12.25 -7.78
N06 P55 B . 3.66 12.40 -5.48
C07 P55 B . 2.62 13.15 -5.82
N08 P55 B . 2.28 13.48 -7.07
C09 P55 B . 3.04 13.02 -8.05
N10 P55 B . 2.78 13.33 -9.34
C11 P55 B . 1.87 14.24 -9.75
C12 P55 B . 0.60 14.32 -9.17
C13 P55 B . -0.37 15.18 -9.66
C14 P55 B . -0.07 16.00 -10.75
C15 P55 B . 1.21 15.98 -11.30
C16 P55 B . 2.19 15.11 -10.79
N17 P55 B . 1.77 13.63 -4.78
C18 P55 B . 0.64 14.52 -5.08
C19 P55 B . -0.70 13.79 -4.94
N20 P55 B . -0.73 13.06 -3.66
C21 P55 B . 0.37 12.13 -3.42
C22 P55 B . 1.73 12.82 -3.55
C23 P55 B . -2.02 12.40 -3.37
C24 P55 B . -2.37 11.34 -4.40
C25 P55 B . 6.37 10.57 -5.46
N26 P55 B . 7.06 10.16 -4.63
#